data_8UB5
#
_entry.id   8UB5
#
_cell.length_a   93.436
_cell.length_b   64.492
_cell.length_c   65.747
_cell.angle_alpha   90.00
_cell.angle_beta   102.71
_cell.angle_gamma   90.00
#
_symmetry.space_group_name_H-M   'C 1 2 1'
#
loop_
_entity.id
_entity.type
_entity.pdbx_description
1 polymer Sialidase
2 non-polymer 1,2-ETHANEDIOL
3 non-polymer 'ACETYL GROUP'
4 water water
#
_entity_poly.entity_id   1
_entity_poly.type   'polypeptide(L)'
_entity_poly.pdbx_seq_one_letter_code
;HMCNKNNTFEKNLDISHKPEPLILFNKDNNIWNSKYFRIPNIQLLNDGTILTFSDIRYNGPDDHAYIDIASARSTDFGKT
WSYDIAMKNNRIDSTYSRVMDSTTVITNTGRIILIAGSWNTNGNWAMTTSTRRSDWSVQMIYSDDNGLTWSNKIDLTKDS
SKVKNQPSNTIGWLGGVGSGIVMDDGTIVMPAQISLRENNENNYYSLIIYSKDNGETWTMGNKVPNSNTSENMVIELDGA
LIMSTRYDYSGYRAAYISHDLGSTWEIYEPLNGKVLTGKGSGCQGSFIKATTSNGHRIGLISAPKNTKGEYIRDNIAVYM
IDFDDLSKRVQEICIPYPKDGNKLGGGYSCLSFKNSHLSIVYEANGNIEYQDLTPYYSLINKQ
;
_entity_poly.pdbx_strand_id   A
#
# COMPACT_ATOMS: atom_id res chain seq x y z
N PRO A 21 -4.53 -11.86 -18.44
CA PRO A 21 -4.75 -10.57 -17.77
C PRO A 21 -4.08 -9.45 -18.54
N LEU A 22 -4.59 -8.24 -18.45
CA LEU A 22 -3.99 -7.10 -19.14
C LEU A 22 -2.64 -6.77 -18.52
N ILE A 23 -1.62 -6.59 -19.35
CA ILE A 23 -0.35 -6.06 -18.88
C ILE A 23 -0.47 -4.54 -18.85
N LEU A 24 -0.58 -3.99 -17.64
CA LEU A 24 -0.83 -2.56 -17.44
C LEU A 24 0.45 -1.75 -17.62
N PHE A 25 1.55 -2.21 -17.03
CA PHE A 25 2.87 -1.63 -17.22
C PHE A 25 3.78 -2.73 -17.74
N ASN A 26 4.35 -2.51 -18.92
CA ASN A 26 5.04 -3.56 -19.69
C ASN A 26 6.51 -3.22 -19.82
N LYS A 27 7.37 -3.96 -19.11
CA LYS A 27 8.81 -3.75 -19.16
C LYS A 27 9.37 -3.87 -20.57
N ASP A 28 8.68 -4.59 -21.47
CA ASP A 28 9.16 -4.75 -22.84
C ASP A 28 8.49 -3.80 -23.83
N ASN A 29 7.61 -2.92 -23.36
CA ASN A 29 6.93 -1.99 -24.26
C ASN A 29 6.32 -0.89 -23.40
N ASN A 30 7.09 0.14 -23.08
CA ASN A 30 6.53 1.25 -22.33
C ASN A 30 7.16 2.55 -22.81
N ILE A 31 6.47 3.66 -22.51
CA ILE A 31 6.85 4.96 -23.07
C ILE A 31 8.11 5.54 -22.45
N TRP A 32 8.59 4.97 -21.35
CA TRP A 32 9.80 5.43 -20.67
C TRP A 32 10.99 4.55 -20.97
N ASN A 33 10.81 3.47 -21.73
CA ASN A 33 11.84 2.45 -21.92
C ASN A 33 12.38 1.95 -20.58
N SER A 34 11.50 1.93 -19.59
CA SER A 34 11.84 1.39 -18.29
C SER A 34 12.10 -0.11 -18.40
N LYS A 35 13.14 -0.56 -17.71
CA LYS A 35 13.48 -1.97 -17.69
C LYS A 35 12.63 -2.79 -16.72
N TYR A 36 11.87 -2.15 -15.83
CA TYR A 36 11.17 -2.89 -14.79
C TYR A 36 10.12 -1.99 -14.17
N PHE A 37 9.09 -2.63 -13.61
CA PHE A 37 8.06 -1.95 -12.84
C PHE A 37 7.85 -2.71 -11.54
N ARG A 38 7.54 -1.97 -10.47
CA ARG A 38 7.27 -2.56 -9.16
C ARG A 38 6.30 -1.66 -8.38
N ILE A 39 5.69 -2.23 -7.33
CA ILE A 39 4.89 -1.54 -6.31
C ILE A 39 3.62 -0.90 -6.90
N PRO A 40 2.67 -1.70 -7.38
CA PRO A 40 1.47 -1.15 -8.02
C PRO A 40 0.45 -0.67 -7.00
N ASN A 41 -0.44 0.21 -7.48
CA ASN A 41 -1.46 0.82 -6.65
C ASN A 41 -2.70 1.06 -7.50
N ILE A 42 -3.88 0.95 -6.91
CA ILE A 42 -5.12 1.15 -7.66
C ILE A 42 -6.17 1.81 -6.78
N GLN A 43 -6.93 2.73 -7.39
CA GLN A 43 -8.11 3.32 -6.77
C GLN A 43 -9.22 3.22 -7.80
N LEU A 44 -10.34 2.63 -7.42
CA LEU A 44 -11.55 2.71 -8.24
C LEU A 44 -12.29 3.98 -7.84
N LEU A 45 -12.55 4.84 -8.83
CA LEU A 45 -13.17 6.11 -8.53
C LEU A 45 -14.70 5.96 -8.54
N ASN A 46 -15.36 6.90 -7.86
CA ASN A 46 -16.81 6.82 -7.71
C ASN A 46 -17.52 6.83 -9.05
N ASP A 47 -16.95 7.47 -10.07
CA ASP A 47 -17.61 7.58 -11.38
C ASP A 47 -17.22 6.46 -12.34
N GLY A 48 -16.47 5.46 -11.89
CA GLY A 48 -16.10 4.32 -12.71
C GLY A 48 -14.71 4.41 -13.32
N THR A 49 -14.09 5.58 -13.24
CA THR A 49 -12.70 5.76 -13.66
C THR A 49 -11.79 4.86 -12.83
N ILE A 50 -10.76 4.31 -13.48
CA ILE A 50 -9.75 3.51 -12.79
C ILE A 50 -8.43 4.28 -12.83
N LEU A 51 -7.87 4.54 -11.65
CA LEU A 51 -6.59 5.21 -11.52
C LEU A 51 -5.61 4.23 -10.90
N THR A 52 -4.44 4.07 -11.50
CA THR A 52 -3.40 3.20 -10.96
C THR A 52 -2.07 3.92 -10.95
N PHE A 53 -1.11 3.35 -10.18
CA PHE A 53 0.24 3.89 -10.13
C PHE A 53 1.24 2.74 -10.06
N SER A 54 2.49 3.06 -10.39
CA SER A 54 3.57 2.10 -10.24
C SER A 54 4.88 2.87 -10.14
N ASP A 55 5.85 2.32 -9.38
CA ASP A 55 7.26 2.70 -9.56
C ASP A 55 7.66 2.49 -11.03
N ILE A 56 8.29 3.49 -11.64
CA ILE A 56 9.00 3.33 -12.91
C ILE A 56 10.44 3.03 -12.51
N ARG A 57 10.79 1.75 -12.50
CA ARG A 57 12.14 1.35 -12.10
C ARG A 57 13.00 1.29 -13.36
N TYR A 58 13.41 2.49 -13.80
CA TYR A 58 14.01 2.67 -15.13
C TYR A 58 15.13 1.68 -15.42
N ASN A 59 16.07 1.53 -14.50
CA ASN A 59 17.33 0.85 -14.77
C ASN A 59 17.37 -0.61 -14.35
N GLY A 60 16.28 -1.15 -13.81
CA GLY A 60 16.29 -2.52 -13.35
C GLY A 60 15.41 -2.69 -12.13
N PRO A 61 15.47 -3.86 -11.49
CA PRO A 61 14.56 -4.11 -10.36
C PRO A 61 14.95 -3.43 -9.05
N ASP A 62 16.21 -2.99 -8.89
CA ASP A 62 16.70 -2.60 -7.55
C ASP A 62 15.85 -1.50 -6.92
N ASP A 63 15.67 -1.60 -5.58
CA ASP A 63 15.09 -0.52 -4.78
C ASP A 63 16.00 0.70 -4.75
N HIS A 64 17.31 0.48 -4.68
CA HIS A 64 18.25 1.59 -4.50
C HIS A 64 18.77 2.00 -5.87
N ALA A 65 17.99 2.83 -6.53
CA ALA A 65 18.14 3.09 -7.97
C ALA A 65 17.34 4.34 -8.31
N TYR A 66 17.30 4.66 -9.59
CA TYR A 66 16.63 5.85 -10.11
C TYR A 66 15.17 5.56 -10.46
N ILE A 67 14.23 6.18 -9.75
CA ILE A 67 12.83 5.80 -9.83
C ILE A 67 11.95 7.05 -9.85
N ASP A 68 10.92 7.04 -10.71
CA ASP A 68 9.80 7.98 -10.65
C ASP A 68 8.52 7.16 -10.47
N ILE A 69 7.39 7.83 -10.24
CA ILE A 69 6.11 7.13 -10.09
C ILE A 69 5.20 7.49 -11.26
N ALA A 70 4.75 6.48 -11.98
CA ALA A 70 3.83 6.62 -13.09
C ALA A 70 2.38 6.56 -12.60
N SER A 71 1.49 7.17 -13.37
CA SER A 71 0.06 6.88 -13.28
C SER A 71 -0.41 6.23 -14.58
N ALA A 72 -1.46 5.43 -14.46
CA ALA A 72 -2.19 4.94 -15.63
C ALA A 72 -3.67 5.07 -15.30
N ARG A 73 -4.43 5.69 -16.21
CA ARG A 73 -5.81 6.09 -15.96
C ARG A 73 -6.68 5.58 -17.09
N SER A 74 -7.84 4.99 -16.74
CA SER A 74 -8.76 4.38 -17.70
C SER A 74 -10.18 4.89 -17.50
N THR A 75 -10.83 5.27 -18.61
CA THR A 75 -12.23 5.69 -18.62
C THR A 75 -13.14 4.69 -19.32
N ASP A 76 -12.62 3.52 -19.73
CA ASP A 76 -13.45 2.48 -20.34
C ASP A 76 -13.32 1.18 -19.56
N PHE A 77 -13.24 1.30 -18.22
CA PHE A 77 -13.23 0.17 -17.31
C PHE A 77 -12.07 -0.80 -17.58
N GLY A 78 -10.90 -0.24 -17.93
CA GLY A 78 -9.69 -1.02 -18.03
C GLY A 78 -9.32 -1.51 -19.42
N LYS A 79 -10.10 -1.16 -20.45
CA LYS A 79 -9.77 -1.58 -21.81
C LYS A 79 -8.54 -0.86 -22.33
N THR A 80 -8.51 0.48 -22.19
CA THR A 80 -7.39 1.28 -22.64
C THR A 80 -6.97 2.22 -21.51
N TRP A 81 -5.74 2.73 -21.62
CA TRP A 81 -5.11 3.44 -20.52
C TRP A 81 -4.32 4.62 -21.04
N SER A 82 -4.35 5.71 -20.27
CA SER A 82 -3.54 6.89 -20.52
C SER A 82 -2.46 6.97 -19.45
N TYR A 83 -1.22 7.18 -19.87
CA TYR A 83 -0.05 7.09 -19.00
C TYR A 83 0.60 8.45 -18.79
N ASP A 84 1.22 8.62 -17.63
CA ASP A 84 1.88 9.87 -17.26
C ASP A 84 2.82 9.61 -16.09
N ILE A 85 3.75 10.54 -15.86
CA ILE A 85 4.57 10.49 -14.65
C ILE A 85 3.87 11.34 -13.61
N ALA A 86 3.35 10.69 -12.56
CA ALA A 86 2.66 11.42 -11.52
C ALA A 86 3.62 12.11 -10.56
N MET A 87 4.80 11.53 -10.30
CA MET A 87 5.71 12.26 -9.43
C MET A 87 7.14 11.89 -9.76
N LYS A 88 7.96 12.92 -9.91
CA LYS A 88 9.36 12.79 -10.26
C LYS A 88 10.21 12.84 -9.01
N ASN A 89 11.32 12.14 -9.03
CA ASN A 89 12.25 12.19 -7.90
C ASN A 89 12.94 13.56 -7.85
N ASN A 90 13.80 13.75 -6.85
CA ASN A 90 14.42 15.07 -6.64
C ASN A 90 15.53 15.37 -7.65
N ARG A 91 15.83 14.46 -8.58
CA ARG A 91 16.74 14.69 -9.70
C ARG A 91 18.15 15.10 -9.28
N ILE A 92 18.53 14.81 -8.02
CA ILE A 92 19.85 15.12 -7.47
C ILE A 92 20.92 14.09 -7.87
N ASP A 93 20.56 12.83 -8.06
CA ASP A 93 21.53 11.76 -8.23
C ASP A 93 21.05 10.86 -9.35
N SER A 94 21.80 10.75 -10.46
CA SER A 94 21.30 10.02 -11.63
C SER A 94 21.31 8.52 -11.42
N THR A 95 21.92 8.04 -10.34
CA THR A 95 21.87 6.64 -9.99
C THR A 95 20.86 6.31 -8.90
N TYR A 96 20.70 7.18 -7.88
CA TYR A 96 19.95 6.82 -6.68
C TYR A 96 18.73 7.69 -6.37
N SER A 97 18.47 8.74 -7.14
CA SER A 97 17.32 9.59 -6.80
C SER A 97 16.04 8.80 -7.02
N ARG A 98 15.15 8.79 -6.03
CA ARG A 98 13.95 7.97 -6.18
C ARG A 98 12.82 8.51 -5.33
N VAL A 99 11.63 8.48 -5.92
CA VAL A 99 10.38 8.55 -5.18
C VAL A 99 9.66 7.25 -5.50
N MET A 100 9.02 6.65 -4.50
CA MET A 100 8.64 5.26 -4.67
C MET A 100 7.69 4.86 -3.55
N ASP A 101 7.16 3.64 -3.70
CA ASP A 101 6.35 2.98 -2.67
C ASP A 101 5.07 3.76 -2.36
N SER A 102 4.23 3.90 -3.41
CA SER A 102 3.03 4.75 -3.34
C SER A 102 2.05 4.27 -2.28
N THR A 103 1.49 5.22 -1.52
CA THR A 103 0.30 5.00 -0.71
C THR A 103 -0.72 6.07 -1.10
N THR A 104 -1.95 5.66 -1.40
CA THR A 104 -2.93 6.58 -1.97
C THR A 104 -4.24 6.52 -1.19
N VAL A 105 -5.08 7.53 -1.40
CA VAL A 105 -6.43 7.55 -0.83
C VAL A 105 -7.28 8.53 -1.64
N ILE A 106 -8.59 8.27 -1.70
CA ILE A 106 -9.55 9.24 -2.20
C ILE A 106 -10.36 9.74 -1.01
N THR A 107 -10.32 11.05 -0.78
CA THR A 107 -11.02 11.65 0.35
C THR A 107 -12.49 11.88 0.00
N ASN A 108 -13.27 12.24 1.02
CA ASN A 108 -14.69 12.50 0.81
C ASN A 108 -14.95 13.67 -0.13
N THR A 109 -13.96 14.55 -0.37
CA THR A 109 -14.20 15.54 -1.42
C THR A 109 -13.94 15.01 -2.81
N GLY A 110 -13.45 13.78 -2.94
CA GLY A 110 -12.99 13.25 -4.20
C GLY A 110 -11.54 13.54 -4.50
N ARG A 111 -10.88 14.33 -3.67
CA ARG A 111 -9.44 14.58 -3.82
C ARG A 111 -8.68 13.26 -3.75
N ILE A 112 -7.70 13.09 -4.63
CA ILE A 112 -6.84 11.91 -4.62
C ILE A 112 -5.48 12.34 -4.08
N ILE A 113 -5.00 11.65 -3.03
CA ILE A 113 -3.72 11.96 -2.41
C ILE A 113 -2.78 10.80 -2.68
N LEU A 114 -1.52 11.10 -3.02
CA LEU A 114 -0.47 10.10 -3.09
C LEU A 114 0.69 10.54 -2.23
N ILE A 115 1.16 9.64 -1.38
CA ILE A 115 2.32 9.90 -0.53
C ILE A 115 3.40 8.90 -0.91
N ALA A 116 4.64 9.38 -1.09
CA ALA A 116 5.73 8.50 -1.49
C ALA A 116 6.96 8.77 -0.64
N GLY A 117 7.82 7.76 -0.50
CA GLY A 117 9.14 7.97 0.09
C GLY A 117 10.10 8.50 -0.96
N SER A 118 11.03 9.36 -0.50
CA SER A 118 11.99 10.04 -1.37
C SER A 118 13.37 9.89 -0.78
N TRP A 119 14.34 9.42 -1.59
CA TRP A 119 15.74 9.37 -1.19
C TRP A 119 16.60 9.67 -2.41
N ASN A 120 17.93 9.70 -2.21
CA ASN A 120 18.82 9.87 -3.35
C ASN A 120 20.21 9.26 -3.12
N THR A 121 20.34 8.29 -2.21
CA THR A 121 21.61 7.65 -1.89
C THR A 121 21.39 6.14 -1.76
N ASN A 122 22.49 5.39 -1.91
CA ASN A 122 22.40 3.95 -1.76
C ASN A 122 22.08 3.57 -0.31
N GLY A 123 21.36 2.46 -0.14
CA GLY A 123 21.19 1.89 1.17
C GLY A 123 19.77 1.85 1.71
N ASN A 124 19.42 0.75 2.35
CA ASN A 124 18.08 0.55 2.88
C ASN A 124 17.61 1.75 3.71
N TRP A 125 16.34 2.15 3.52
CA TRP A 125 15.85 3.37 4.17
C TRP A 125 15.85 3.26 5.70
N ALA A 126 15.61 2.07 6.24
CA ALA A 126 15.40 1.91 7.68
C ALA A 126 16.67 1.62 8.48
N MET A 127 17.62 0.94 7.83
CA MET A 127 18.80 0.33 8.48
C MET A 127 20.14 0.97 8.20
N THR A 128 20.24 1.88 7.23
CA THR A 128 21.58 2.31 6.80
C THR A 128 22.22 3.28 7.78
N THR A 129 21.44 4.22 8.34
CA THR A 129 22.00 5.26 9.20
C THR A 129 21.49 5.13 10.63
N SER A 130 22.36 5.51 11.59
CA SER A 130 21.98 5.50 12.98
C SER A 130 21.32 6.81 13.42
N THR A 131 21.25 7.82 12.54
CA THR A 131 20.53 9.05 12.80
C THR A 131 19.61 9.28 11.62
N ARG A 132 18.72 10.29 11.75
CA ARG A 132 17.76 10.60 10.69
C ARG A 132 18.44 10.66 9.33
N ARG A 133 17.94 9.83 8.40
CA ARG A 133 18.53 9.69 7.06
C ARG A 133 18.46 11.01 6.31
N SER A 134 19.63 11.55 5.93
CA SER A 134 19.66 12.96 5.57
C SER A 134 18.98 13.23 4.24
N ASP A 135 19.02 12.29 3.30
CA ASP A 135 18.37 12.50 2.00
C ASP A 135 16.90 12.09 2.01
N TRP A 136 16.39 11.62 3.16
CA TRP A 136 15.04 11.08 3.25
C TRP A 136 14.00 12.19 3.39
N SER A 137 12.88 12.02 2.71
CA SER A 137 11.72 12.86 2.92
C SER A 137 10.48 12.09 2.50
N VAL A 138 9.34 12.58 2.94
CA VAL A 138 8.06 12.06 2.50
C VAL A 138 7.40 13.13 1.65
N GLN A 139 7.04 12.76 0.41
CA GLN A 139 6.50 13.71 -0.56
C GLN A 139 5.03 13.38 -0.84
N MET A 140 4.20 14.42 -0.85
CA MET A 140 2.77 14.36 -1.13
C MET A 140 2.42 15.13 -2.38
N ILE A 141 1.54 14.54 -3.20
CA ILE A 141 0.82 15.26 -4.26
C ILE A 141 -0.67 14.96 -4.12
N TYR A 142 -1.50 15.84 -4.67
CA TYR A 142 -2.94 15.60 -4.69
C TYR A 142 -3.52 16.07 -6.02
N SER A 143 -4.69 15.52 -6.32
CA SER A 143 -5.41 15.84 -7.55
C SER A 143 -6.85 16.17 -7.19
N ASP A 144 -7.33 17.31 -7.69
CA ASP A 144 -8.73 17.70 -7.52
C ASP A 144 -9.53 17.55 -8.82
N ASP A 145 -8.96 16.93 -9.84
CA ASP A 145 -9.68 16.67 -11.09
C ASP A 145 -9.66 15.19 -11.43
N ASN A 146 -9.79 14.34 -10.39
CA ASN A 146 -9.94 12.89 -10.55
C ASN A 146 -8.72 12.29 -11.26
N GLY A 147 -7.55 12.81 -10.95
CA GLY A 147 -6.32 12.23 -11.43
C GLY A 147 -5.86 12.72 -12.78
N LEU A 148 -6.46 13.79 -13.30
CA LEU A 148 -6.02 14.31 -14.58
C LEU A 148 -4.75 15.14 -14.42
N THR A 149 -4.67 15.95 -13.37
CA THR A 149 -3.47 16.71 -13.08
C THR A 149 -3.14 16.59 -11.59
N TRP A 150 -1.91 16.96 -11.24
CA TRP A 150 -1.44 16.81 -9.88
C TRP A 150 -0.85 18.12 -9.39
N SER A 151 -0.95 18.36 -8.09
CA SER A 151 -0.29 19.45 -7.44
C SER A 151 1.22 19.33 -7.58
N ASN A 152 1.90 20.42 -7.25
CA ASN A 152 3.32 20.35 -6.97
C ASN A 152 3.54 19.43 -5.78
N LYS A 153 4.75 18.87 -5.69
CA LYS A 153 5.10 18.04 -4.54
C LYS A 153 5.13 18.88 -3.27
N ILE A 154 4.61 18.31 -2.20
CA ILE A 154 4.56 18.91 -0.89
C ILE A 154 5.41 18.05 0.04
N ASP A 155 6.44 18.65 0.60
CA ASP A 155 7.39 17.95 1.47
C ASP A 155 6.84 17.91 2.89
N LEU A 156 6.47 16.70 3.38
CA LEU A 156 5.84 16.56 4.68
C LEU A 156 6.83 16.49 5.84
N THR A 157 8.14 16.45 5.58
CA THR A 157 9.10 16.21 6.65
C THR A 157 10.25 17.23 6.70
N LYS A 158 10.39 18.13 5.72
CA LYS A 158 11.49 19.10 5.77
C LYS A 158 11.35 20.04 6.95
N ASP A 159 10.13 20.27 7.45
CA ASP A 159 9.97 21.08 8.66
C ASP A 159 8.94 20.40 9.56
N SER A 160 8.53 21.07 10.63
CA SER A 160 7.59 20.47 11.54
C SER A 160 6.15 20.98 11.32
N SER A 161 5.89 21.59 10.18
CA SER A 161 4.61 22.25 9.95
C SER A 161 3.54 21.33 9.38
N LYS A 162 3.89 20.12 8.92
CA LYS A 162 2.93 19.26 8.21
C LYS A 162 2.54 17.99 8.98
N VAL A 163 3.42 17.45 9.82
CA VAL A 163 3.17 16.21 10.52
C VAL A 163 3.49 16.41 12.00
N LYS A 164 2.50 16.19 12.85
CA LYS A 164 2.62 16.29 14.28
C LYS A 164 2.98 14.93 14.87
N ASN A 165 3.72 14.94 15.97
CA ASN A 165 4.02 13.75 16.77
C ASN A 165 4.99 12.80 16.06
N GLN A 166 5.84 13.33 15.18
CA GLN A 166 6.95 12.54 14.65
C GLN A 166 7.99 12.30 15.75
N PRO A 167 8.40 11.05 16.00
CA PRO A 167 9.33 10.81 17.12
C PRO A 167 10.69 11.42 16.87
N SER A 168 11.35 11.84 17.96
CA SER A 168 12.66 12.46 17.82
C SER A 168 13.74 11.46 17.41
N ASN A 169 13.48 10.16 17.59
CA ASN A 169 14.42 9.12 17.20
C ASN A 169 14.06 8.47 15.85
N THR A 170 13.37 9.22 14.99
CA THR A 170 13.03 8.74 13.65
C THR A 170 14.26 8.65 12.75
N ILE A 171 14.44 7.48 12.14
CA ILE A 171 15.42 7.33 11.07
C ILE A 171 14.80 7.68 9.72
N GLY A 172 13.55 7.25 9.53
CA GLY A 172 12.73 7.67 8.41
C GLY A 172 11.37 7.01 8.57
N TRP A 173 10.45 7.35 7.68
CA TRP A 173 9.15 6.68 7.65
C TRP A 173 8.55 6.93 6.28
N LEU A 174 7.56 6.13 5.89
CA LEU A 174 6.85 6.35 4.64
C LEU A 174 5.47 5.71 4.79
N GLY A 175 4.68 5.74 3.73
CA GLY A 175 3.36 5.12 3.78
C GLY A 175 3.45 3.60 3.83
N GLY A 176 2.33 2.95 4.19
CA GLY A 176 2.26 1.51 4.31
C GLY A 176 2.21 0.71 3.02
N VAL A 177 2.07 1.38 1.87
CA VAL A 177 2.13 0.81 0.52
C VAL A 177 0.82 0.14 0.20
N GLY A 178 -0.09 0.91 -0.35
CA GLY A 178 -1.44 0.49 -0.63
C GLY A 178 -2.34 1.71 -0.56
N SER A 179 -3.47 1.54 0.10
CA SER A 179 -4.50 2.57 0.19
C SER A 179 -4.76 2.92 1.65
N GLY A 180 -5.07 4.19 1.87
CA GLY A 180 -5.69 4.63 3.12
C GLY A 180 -7.20 4.50 3.10
N ILE A 181 -7.83 5.06 4.13
CA ILE A 181 -9.27 4.95 4.31
C ILE A 181 -9.76 6.29 4.84
N VAL A 182 -11.09 6.41 4.92
CA VAL A 182 -11.74 7.61 5.45
C VAL A 182 -12.68 7.16 6.55
N MET A 183 -12.62 7.83 7.70
CA MET A 183 -13.47 7.46 8.81
C MET A 183 -14.86 8.04 8.58
N ASP A 184 -15.76 7.72 9.52
N ASP A 184 -15.78 7.71 9.49
CA ASP A 184 -17.17 8.14 9.43
CA ASP A 184 -17.18 8.15 9.34
C ASP A 184 -17.32 9.65 9.32
C ASP A 184 -17.27 9.67 9.24
N ASP A 185 -16.48 10.41 10.02
CA ASP A 185 -16.60 11.87 10.03
C ASP A 185 -15.72 12.56 8.99
N GLY A 186 -15.08 11.80 8.12
CA GLY A 186 -14.26 12.32 7.06
C GLY A 186 -12.79 12.29 7.35
N THR A 187 -12.39 11.94 8.57
CA THR A 187 -10.97 11.87 8.89
C THR A 187 -10.27 10.89 7.97
N ILE A 188 -9.14 11.31 7.39
CA ILE A 188 -8.35 10.44 6.51
C ILE A 188 -7.33 9.70 7.33
N VAL A 189 -7.20 8.39 7.12
CA VAL A 189 -6.19 7.59 7.80
C VAL A 189 -5.35 6.87 6.75
N MET A 190 -4.03 7.01 6.88
CA MET A 190 -3.06 6.41 5.98
C MET A 190 -2.23 5.42 6.78
N PRO A 191 -2.01 4.19 6.28
CA PRO A 191 -1.05 3.31 6.96
C PRO A 191 0.35 3.83 6.73
N ALA A 192 1.24 3.55 7.69
CA ALA A 192 2.62 4.05 7.61
C ALA A 192 3.56 3.01 8.21
N GLN A 193 4.86 3.24 8.00
CA GLN A 193 5.90 2.40 8.58
C GLN A 193 7.05 3.33 8.94
N ILE A 194 7.70 3.04 10.07
CA ILE A 194 8.71 3.92 10.66
C ILE A 194 9.90 3.08 11.12
N SER A 195 11.09 3.69 11.02
CA SER A 195 12.31 3.13 11.60
C SER A 195 12.75 4.04 12.74
N LEU A 196 13.05 3.43 13.88
CA LEU A 196 13.30 4.16 15.12
C LEU A 196 14.63 3.71 15.71
N ARG A 197 15.45 4.67 16.14
CA ARG A 197 16.69 4.34 16.84
C ARG A 197 16.35 4.00 18.29
N GLU A 198 16.58 2.75 18.70
CA GLU A 198 16.25 2.31 20.06
C GLU A 198 17.41 1.47 20.59
N ASN A 199 17.99 1.85 21.73
CA ASN A 199 19.11 1.12 22.36
C ASN A 199 20.14 0.62 21.34
N ASN A 200 20.70 1.56 20.60
CA ASN A 200 21.83 1.30 19.69
C ASN A 200 21.50 0.34 18.54
N GLU A 201 20.23 0.24 18.16
CA GLU A 201 19.81 -0.51 16.99
C GLU A 201 18.70 0.26 16.31
N ASN A 202 18.39 -0.10 15.06
CA ASN A 202 17.23 0.44 14.35
C ASN A 202 16.14 -0.63 14.31
N ASN A 203 14.95 -0.30 14.81
CA ASN A 203 13.80 -1.21 14.77
C ASN A 203 12.69 -0.57 13.96
N TYR A 204 12.01 -1.35 13.12
CA TYR A 204 10.94 -0.80 12.28
C TYR A 204 9.59 -1.35 12.73
N TYR A 205 8.59 -0.50 12.62
CA TYR A 205 7.24 -0.75 13.11
C TYR A 205 6.23 -0.18 12.14
N SER A 206 5.04 -0.79 12.13
CA SER A 206 3.89 -0.16 11.51
C SER A 206 3.24 0.87 12.44
N LEU A 207 2.47 1.76 11.85
CA LEU A 207 1.63 2.73 12.55
C LEU A 207 0.73 3.37 11.51
N ILE A 208 -0.10 4.35 11.93
CA ILE A 208 -0.90 5.14 10.99
C ILE A 208 -0.58 6.62 11.18
N ILE A 209 -0.99 7.42 10.17
CA ILE A 209 -1.04 8.88 10.28
C ILE A 209 -2.45 9.26 9.84
N TYR A 210 -2.93 10.41 10.29
CA TYR A 210 -4.30 10.80 10.00
C TYR A 210 -4.35 12.30 9.78
N SER A 211 -5.33 12.72 8.97
CA SER A 211 -5.55 14.12 8.63
C SER A 211 -7.03 14.45 8.77
N LYS A 212 -7.33 15.55 9.44
CA LYS A 212 -8.71 16.01 9.55
C LYS A 212 -8.98 17.22 8.67
N ASP A 213 -8.04 17.58 7.81
CA ASP A 213 -8.19 18.75 6.95
C ASP A 213 -7.84 18.41 5.50
N ASN A 214 -8.30 17.24 5.03
CA ASN A 214 -8.20 16.88 3.61
C ASN A 214 -6.74 16.73 3.17
N GLY A 215 -5.85 16.40 4.11
CA GLY A 215 -4.48 16.07 3.77
C GLY A 215 -3.50 17.20 3.92
N GLU A 216 -3.96 18.39 4.34
CA GLU A 216 -3.04 19.50 4.43
C GLU A 216 -2.04 19.29 5.56
N THR A 217 -2.49 18.75 6.69
CA THR A 217 -1.62 18.45 7.83
C THR A 217 -1.99 17.09 8.40
N TRP A 218 -1.06 16.50 9.13
CA TRP A 218 -1.18 15.13 9.58
C TRP A 218 -0.74 15.01 11.03
N THR A 219 -1.23 13.97 11.69
CA THR A 219 -0.75 13.59 13.02
C THR A 219 -0.34 12.14 12.95
N MET A 220 0.83 11.83 13.50
CA MET A 220 1.30 10.45 13.52
C MET A 220 0.82 9.72 14.77
N GLY A 221 0.31 8.49 14.57
CA GLY A 221 -0.05 7.63 15.68
C GLY A 221 1.19 7.04 16.34
N ASN A 222 0.97 6.10 17.25
CA ASN A 222 2.04 5.39 17.94
C ASN A 222 2.28 4.01 17.33
N LYS A 223 3.51 3.51 17.50
CA LYS A 223 3.90 2.24 16.87
C LYS A 223 3.08 1.07 17.42
N VAL A 224 2.91 0.05 16.57
CA VAL A 224 2.19 -1.17 16.92
C VAL A 224 3.03 -1.98 17.92
N PRO A 225 2.51 -3.07 18.50
CA PRO A 225 3.21 -3.73 19.61
C PRO A 225 4.48 -4.49 19.23
N ASN A 226 4.67 -4.86 17.97
CA ASN A 226 5.85 -5.65 17.59
C ASN A 226 6.67 -4.94 16.52
N SER A 227 7.99 -4.98 16.71
CA SER A 227 8.93 -4.58 15.66
C SER A 227 8.96 -5.63 14.56
N ASN A 228 9.73 -5.34 13.52
CA ASN A 228 9.74 -6.12 12.30
C ASN A 228 8.39 -6.09 11.60
N THR A 229 7.60 -5.03 11.84
CA THR A 229 6.35 -4.81 11.11
C THR A 229 6.53 -3.60 10.21
N SER A 230 6.02 -3.68 8.97
CA SER A 230 6.32 -2.61 8.03
C SER A 230 5.11 -2.28 7.19
N GLU A 231 5.13 -2.70 5.92
CA GLU A 231 4.04 -2.43 4.99
C GLU A 231 2.73 -2.96 5.54
N ASN A 232 1.67 -2.17 5.41
CA ASN A 232 0.41 -2.57 6.03
C ASN A 232 -0.72 -1.75 5.43
N MET A 233 -1.94 -2.24 5.63
CA MET A 233 -3.11 -1.36 5.50
C MET A 233 -4.07 -1.58 6.66
N VAL A 234 -4.93 -0.58 6.88
CA VAL A 234 -5.96 -0.65 7.92
C VAL A 234 -7.33 -0.52 7.26
N ILE A 235 -8.32 -1.14 7.88
CA ILE A 235 -9.74 -0.87 7.60
C ILE A 235 -10.33 -0.19 8.82
N GLU A 236 -11.49 0.41 8.61
CA GLU A 236 -12.33 0.93 9.69
C GLU A 236 -13.43 -0.09 10.00
N LEU A 237 -13.69 -0.32 11.29
CA LEU A 237 -14.80 -1.20 11.67
C LEU A 237 -15.43 -0.68 12.95
N ASP A 238 -16.63 -0.13 12.83
CA ASP A 238 -17.37 0.41 13.98
C ASP A 238 -16.50 1.36 14.80
N GLY A 239 -15.79 2.23 14.10
CA GLY A 239 -14.91 3.22 14.71
C GLY A 239 -13.52 2.74 15.05
N ALA A 240 -13.29 1.43 15.05
CA ALA A 240 -11.97 0.88 15.35
C ALA A 240 -11.14 0.87 14.06
N LEU A 241 -9.82 0.84 14.22
CA LEU A 241 -8.91 0.56 13.12
C LEU A 241 -8.44 -0.87 13.28
N ILE A 242 -8.48 -1.65 12.20
CA ILE A 242 -7.90 -3.00 12.21
C ILE A 242 -6.82 -3.03 11.15
N MET A 243 -5.61 -3.41 11.55
CA MET A 243 -4.49 -3.38 10.62
C MET A 243 -4.05 -4.79 10.29
N SER A 244 -3.76 -5.03 8.99
CA SER A 244 -3.14 -6.28 8.53
C SER A 244 -1.73 -5.90 8.08
N THR A 245 -0.70 -6.41 8.77
CA THR A 245 0.64 -5.88 8.48
C THR A 245 1.64 -6.98 8.16
N ARG A 246 2.61 -6.63 7.33
CA ARG A 246 3.74 -7.52 7.05
C ARG A 246 4.61 -7.66 8.30
N TYR A 247 4.81 -8.89 8.77
CA TYR A 247 5.50 -9.15 10.03
C TYR A 247 6.66 -10.08 9.70
N ASP A 248 7.85 -9.49 9.50
CA ASP A 248 8.93 -10.22 8.86
C ASP A 248 9.47 -11.33 9.74
N TYR A 249 9.59 -12.52 9.13
CA TYR A 249 10.18 -13.73 9.70
C TYR A 249 9.28 -14.40 10.72
N SER A 250 8.02 -13.97 10.84
CA SER A 250 7.04 -14.69 11.63
C SER A 250 6.33 -15.80 10.84
N GLY A 251 6.31 -15.70 9.53
CA GLY A 251 5.52 -16.64 8.75
C GLY A 251 4.08 -16.22 8.52
N TYR A 252 3.66 -15.07 9.03
CA TYR A 252 2.27 -14.68 8.82
C TYR A 252 2.15 -13.17 8.80
N ARG A 253 0.96 -12.71 8.40
CA ARG A 253 0.59 -11.30 8.52
C ARG A 253 0.04 -11.08 9.92
N ALA A 254 0.62 -10.14 10.65
CA ALA A 254 0.04 -9.84 11.96
C ALA A 254 -1.23 -9.01 11.77
N ALA A 255 -2.08 -8.96 12.83
CA ALA A 255 -3.20 -8.05 12.81
C ALA A 255 -3.37 -7.45 14.19
N TYR A 256 -3.71 -6.16 14.22
CA TYR A 256 -3.87 -5.39 15.45
C TYR A 256 -5.14 -4.56 15.36
N ILE A 257 -5.70 -4.23 16.52
CA ILE A 257 -6.87 -3.35 16.53
C ILE A 257 -6.59 -2.17 17.45
N SER A 258 -7.09 -0.98 17.06
CA SER A 258 -7.00 0.27 17.82
C SER A 258 -8.37 0.89 17.96
N HIS A 259 -8.76 1.22 19.20
CA HIS A 259 -10.03 1.89 19.44
C HIS A 259 -9.87 3.40 19.65
N ASP A 260 -8.68 3.96 19.45
CA ASP A 260 -8.44 5.39 19.69
C ASP A 260 -7.64 6.01 18.55
N LEU A 261 -7.94 5.59 17.31
CA LEU A 261 -7.38 6.18 16.10
C LEU A 261 -5.86 6.04 16.08
N GLY A 262 -5.37 4.88 16.49
CA GLY A 262 -3.95 4.59 16.36
C GLY A 262 -3.06 5.05 17.49
N SER A 263 -3.61 5.43 18.65
CA SER A 263 -2.73 5.75 19.77
C SER A 263 -2.32 4.50 20.53
N THR A 264 -3.21 3.53 20.64
CA THR A 264 -2.86 2.27 21.26
C THR A 264 -3.37 1.12 20.41
N TRP A 265 -2.70 -0.02 20.56
CA TRP A 265 -2.96 -1.20 19.74
C TRP A 265 -2.99 -2.42 20.63
N GLU A 266 -3.84 -3.39 20.28
CA GLU A 266 -3.68 -4.74 20.79
C GLU A 266 -3.81 -5.74 19.64
N ILE A 267 -3.37 -6.97 19.90
CA ILE A 267 -3.52 -8.02 18.90
C ILE A 267 -4.99 -8.22 18.58
N TYR A 268 -5.31 -8.36 17.29
CA TYR A 268 -6.67 -8.63 16.81
C TYR A 268 -6.72 -10.11 16.40
N GLU A 269 -7.21 -10.96 17.29
CA GLU A 269 -7.07 -12.40 17.11
C GLU A 269 -7.72 -12.92 15.86
N PRO A 270 -8.92 -12.46 15.44
CA PRO A 270 -9.57 -13.11 14.30
C PRO A 270 -8.79 -13.05 13.00
N LEU A 271 -7.90 -12.07 12.82
CA LEU A 271 -7.03 -12.04 11.66
C LEU A 271 -5.56 -12.30 11.97
N ASN A 272 -5.12 -12.08 13.21
CA ASN A 272 -3.71 -12.24 13.50
C ASN A 272 -3.29 -13.67 13.23
N GLY A 273 -2.22 -13.86 12.46
CA GLY A 273 -1.73 -15.19 12.25
C GLY A 273 -2.52 -16.05 11.26
N LYS A 274 -3.59 -15.52 10.67
CA LYS A 274 -4.48 -16.35 9.84
C LYS A 274 -4.06 -16.39 8.37
N VAL A 275 -3.40 -15.34 7.87
CA VAL A 275 -2.84 -15.36 6.52
C VAL A 275 -1.36 -15.69 6.64
N LEU A 276 -0.99 -16.88 6.19
CA LEU A 276 0.39 -17.34 6.25
C LEU A 276 1.14 -16.86 5.03
N THR A 277 2.46 -16.64 5.19
CA THR A 277 3.23 -16.02 4.12
C THR A 277 4.51 -16.78 3.78
N GLY A 278 4.69 -17.99 4.29
CA GLY A 278 5.79 -18.83 3.88
C GLY A 278 7.08 -18.49 4.63
N LYS A 279 8.11 -19.27 4.32
CA LYS A 279 9.39 -19.10 4.98
C LYS A 279 10.07 -17.80 4.51
N GLY A 280 10.91 -17.24 5.38
CA GLY A 280 11.69 -16.07 5.01
C GLY A 280 11.00 -14.77 5.39
N SER A 281 11.37 -13.71 4.66
CA SER A 281 10.83 -12.39 4.93
C SER A 281 9.34 -12.37 4.57
N GLY A 282 8.60 -11.37 5.11
CA GLY A 282 7.21 -11.19 4.75
C GLY A 282 7.09 -10.56 3.36
N CYS A 283 5.90 -10.04 3.06
CA CYS A 283 5.65 -9.42 1.75
C CYS A 283 4.51 -8.43 1.87
N GLN A 284 4.59 -7.35 1.10
CA GLN A 284 3.48 -6.40 1.05
C GLN A 284 2.23 -7.11 0.57
N GLY A 285 1.06 -6.63 1.03
CA GLY A 285 -0.21 -7.11 0.52
C GLY A 285 -1.22 -6.02 0.75
N SER A 286 -2.48 -6.27 0.39
CA SER A 286 -3.49 -5.24 0.63
C SER A 286 -4.66 -5.80 1.42
N PHE A 287 -5.40 -4.90 2.07
CA PHE A 287 -6.44 -5.31 3.02
C PHE A 287 -7.52 -4.25 2.96
N ILE A 288 -8.73 -4.61 2.53
CA ILE A 288 -9.81 -3.64 2.34
C ILE A 288 -11.10 -4.22 2.87
N LYS A 289 -12.07 -3.33 3.10
CA LYS A 289 -13.39 -3.69 3.60
C LYS A 289 -14.44 -3.53 2.50
N ALA A 290 -15.35 -4.50 2.41
CA ALA A 290 -16.53 -4.38 1.57
C ALA A 290 -17.74 -4.69 2.44
N THR A 291 -18.88 -4.04 2.17
CA THR A 291 -20.13 -4.39 2.85
C THR A 291 -21.04 -5.08 1.84
N THR A 292 -21.34 -6.35 2.08
CA THR A 292 -22.20 -7.10 1.17
C THR A 292 -23.66 -6.71 1.37
N SER A 293 -24.52 -7.21 0.48
CA SER A 293 -25.90 -6.74 0.47
C SER A 293 -26.70 -7.18 1.69
N ASN A 294 -26.29 -8.26 2.38
CA ASN A 294 -26.89 -8.63 3.65
C ASN A 294 -26.39 -7.79 4.83
N GLY A 295 -25.57 -6.77 4.58
CA GLY A 295 -25.10 -5.87 5.61
C GLY A 295 -23.82 -6.31 6.30
N HIS A 296 -23.35 -7.53 6.04
CA HIS A 296 -22.11 -7.99 6.66
C HIS A 296 -20.94 -7.17 6.15
N ARG A 297 -19.96 -6.96 7.03
CA ARG A 297 -18.71 -6.30 6.66
C ARG A 297 -17.68 -7.39 6.45
N ILE A 298 -17.06 -7.43 5.28
CA ILE A 298 -16.08 -8.48 4.97
C ILE A 298 -14.73 -7.80 4.76
N GLY A 299 -13.67 -8.54 5.06
CA GLY A 299 -12.31 -8.08 4.79
C GLY A 299 -11.75 -8.93 3.66
N LEU A 300 -11.09 -8.26 2.70
CA LEU A 300 -10.44 -8.91 1.58
C LEU A 300 -8.95 -8.61 1.66
N ILE A 301 -8.13 -9.64 1.55
CA ILE A 301 -6.68 -9.48 1.65
C ILE A 301 -6.06 -10.10 0.43
N SER A 302 -5.12 -9.40 -0.19
CA SER A 302 -4.31 -9.96 -1.27
C SER A 302 -2.87 -10.13 -0.77
N ALA A 303 -2.27 -11.32 -1.02
CA ALA A 303 -0.88 -11.53 -0.65
C ALA A 303 -0.40 -12.84 -1.26
N PRO A 304 0.90 -13.01 -1.52
CA PRO A 304 1.39 -14.30 -2.03
C PRO A 304 1.27 -15.40 -0.98
N LYS A 305 0.92 -16.60 -1.44
CA LYS A 305 0.97 -17.74 -0.55
C LYS A 305 2.41 -18.09 -0.20
N ASN A 306 3.32 -17.89 -1.16
CA ASN A 306 4.75 -18.12 -0.93
C ASN A 306 5.00 -19.56 -0.48
N THR A 307 4.30 -20.51 -1.08
CA THR A 307 4.50 -21.92 -0.71
C THR A 307 5.92 -22.37 -1.02
N LYS A 308 6.59 -21.74 -1.98
CA LYS A 308 7.95 -22.10 -2.34
C LYS A 308 9.00 -21.37 -1.52
N GLY A 309 8.67 -20.25 -0.91
CA GLY A 309 9.49 -19.74 0.18
C GLY A 309 10.33 -18.55 -0.21
N GLU A 310 10.75 -17.81 0.82
CA GLU A 310 11.66 -16.64 0.71
C GLU A 310 11.07 -15.62 -0.27
N TYR A 311 11.81 -15.21 -1.30
CA TYR A 311 11.34 -14.15 -2.18
C TYR A 311 10.68 -14.68 -3.45
N ILE A 312 10.46 -15.99 -3.53
CA ILE A 312 9.74 -16.55 -4.68
C ILE A 312 8.32 -15.98 -4.71
N ARG A 313 7.67 -15.98 -3.56
CA ARG A 313 6.37 -15.30 -3.41
C ARG A 313 5.38 -15.75 -4.49
N ASP A 314 5.32 -17.07 -4.70
CA ASP A 314 4.34 -17.63 -5.64
C ASP A 314 2.92 -17.38 -5.17
N ASN A 315 2.00 -17.34 -6.15
CA ASN A 315 0.55 -17.45 -5.92
C ASN A 315 0.00 -16.27 -5.11
N ILE A 316 -0.08 -15.14 -5.78
CA ILE A 316 -0.78 -14.00 -5.20
C ILE A 316 -2.28 -14.33 -5.11
N ALA A 317 -2.79 -14.43 -3.89
CA ALA A 317 -4.10 -14.97 -3.62
C ALA A 317 -4.97 -13.90 -2.98
N VAL A 318 -6.29 -14.11 -3.02
CA VAL A 318 -7.25 -13.23 -2.38
C VAL A 318 -8.01 -14.01 -1.33
N TYR A 319 -8.06 -13.48 -0.11
CA TYR A 319 -8.65 -14.13 1.04
C TYR A 319 -9.82 -13.30 1.54
N MET A 320 -10.79 -13.97 2.15
CA MET A 320 -11.97 -13.31 2.69
C MET A 320 -12.21 -13.70 4.14
N ILE A 321 -12.57 -12.70 4.96
CA ILE A 321 -13.09 -12.89 6.31
C ILE A 321 -14.40 -12.10 6.40
N ASP A 322 -15.34 -12.65 7.18
CA ASP A 322 -16.63 -12.02 7.44
C ASP A 322 -16.63 -11.59 8.89
N PHE A 323 -16.48 -10.28 9.13
CA PHE A 323 -16.42 -9.76 10.50
C PHE A 323 -17.73 -9.96 11.24
N ASP A 324 -18.82 -10.22 10.54
CA ASP A 324 -20.09 -10.51 11.20
C ASP A 324 -20.41 -12.00 11.21
N ASP A 325 -19.42 -12.84 10.95
CA ASP A 325 -19.56 -14.28 11.07
C ASP A 325 -18.14 -14.83 11.33
N LEU A 326 -17.60 -14.46 12.49
CA LEU A 326 -16.18 -14.70 12.74
C LEU A 326 -15.88 -16.16 13.07
N SER A 327 -16.87 -16.99 13.36
CA SER A 327 -16.51 -18.40 13.52
C SER A 327 -16.22 -19.09 12.18
N LYS A 328 -16.53 -18.45 11.06
CA LYS A 328 -16.25 -19.00 9.73
C LYS A 328 -14.80 -18.69 9.37
N ARG A 329 -14.03 -19.72 9.04
CA ARG A 329 -12.59 -19.51 8.88
C ARG A 329 -12.31 -18.69 7.64
N VAL A 330 -11.18 -18.00 7.66
CA VAL A 330 -10.71 -17.24 6.49
C VAL A 330 -10.66 -18.14 5.28
N GLN A 331 -11.21 -17.66 4.16
CA GLN A 331 -11.42 -18.45 2.94
C GLN A 331 -10.57 -17.91 1.80
N GLU A 332 -9.89 -18.79 1.08
CA GLU A 332 -9.20 -18.39 -0.13
C GLU A 332 -10.22 -18.27 -1.25
N ILE A 333 -10.41 -17.06 -1.78
CA ILE A 333 -11.44 -16.85 -2.81
C ILE A 333 -10.93 -17.25 -4.19
N CYS A 334 -9.74 -16.78 -4.56
CA CYS A 334 -9.14 -17.09 -5.85
C CYS A 334 -7.66 -16.76 -5.78
N ILE A 335 -6.92 -17.13 -6.82
CA ILE A 335 -5.50 -16.80 -6.90
C ILE A 335 -5.30 -16.04 -8.22
N PRO A 336 -5.36 -14.72 -8.21
CA PRO A 336 -5.25 -13.98 -9.48
C PRO A 336 -3.94 -14.20 -10.19
N TYR A 337 -2.83 -14.47 -9.48
CA TYR A 337 -1.55 -14.68 -10.13
C TYR A 337 -0.96 -15.99 -9.63
N PRO A 338 -1.36 -17.10 -10.25
CA PRO A 338 -0.98 -18.44 -9.76
C PRO A 338 0.37 -18.86 -10.27
N LYS A 339 1.37 -17.99 -10.11
CA LYS A 339 2.69 -18.20 -10.68
C LYS A 339 3.75 -17.81 -9.67
N ASP A 340 4.96 -18.33 -9.86
CA ASP A 340 6.09 -17.86 -9.06
C ASP A 340 6.32 -16.38 -9.31
N GLY A 341 6.69 -15.66 -8.24
CA GLY A 341 7.17 -14.30 -8.40
C GLY A 341 8.61 -14.30 -8.88
N ASN A 342 9.00 -13.19 -9.50
CA ASN A 342 10.41 -13.04 -9.87
C ASN A 342 11.25 -12.67 -8.64
N LYS A 343 12.28 -13.48 -8.35
CA LYS A 343 13.09 -13.25 -7.16
C LYS A 343 13.79 -11.89 -7.15
N LEU A 344 13.93 -11.25 -8.31
CA LEU A 344 14.50 -9.90 -8.34
C LEU A 344 13.58 -8.87 -7.71
N GLY A 345 12.30 -9.20 -7.60
CA GLY A 345 11.33 -8.28 -7.04
C GLY A 345 9.94 -8.58 -7.58
N GLY A 346 9.07 -9.13 -6.73
CA GLY A 346 7.74 -9.52 -7.15
C GLY A 346 6.86 -9.67 -5.92
N GLY A 347 5.60 -10.05 -6.18
CA GLY A 347 4.66 -10.44 -5.14
C GLY A 347 3.72 -9.35 -4.67
N TYR A 348 4.04 -8.07 -4.88
CA TYR A 348 3.20 -7.01 -4.31
C TYR A 348 1.88 -6.90 -5.08
N SER A 349 0.86 -6.36 -4.41
CA SER A 349 -0.48 -6.31 -5.01
C SER A 349 -1.33 -5.23 -4.33
N CYS A 350 -2.42 -4.85 -5.00
CA CYS A 350 -3.32 -3.87 -4.41
C CYS A 350 -4.73 -4.14 -4.91
N LEU A 351 -5.67 -4.34 -3.98
CA LEU A 351 -7.11 -4.38 -4.26
C LEU A 351 -7.75 -3.00 -4.14
N SER A 352 -8.84 -2.79 -4.86
CA SER A 352 -9.70 -1.63 -4.63
C SER A 352 -11.14 -2.09 -4.83
N PHE A 353 -12.02 -1.67 -3.92
CA PHE A 353 -13.44 -2.03 -3.94
C PHE A 353 -14.25 -0.74 -3.92
N LYS A 354 -15.21 -0.62 -4.85
CA LYS A 354 -16.01 0.59 -4.91
C LYS A 354 -17.31 0.26 -5.65
N ASN A 355 -18.45 0.60 -5.04
CA ASN A 355 -19.75 0.48 -5.71
C ASN A 355 -19.94 -0.93 -6.30
N SER A 356 -19.68 -1.94 -5.47
CA SER A 356 -19.86 -3.37 -5.80
C SER A 356 -18.95 -3.87 -6.93
N HIS A 357 -17.86 -3.17 -7.22
CA HIS A 357 -16.83 -3.62 -8.16
C HIS A 357 -15.52 -3.81 -7.41
N LEU A 358 -14.72 -4.80 -7.84
CA LEU A 358 -13.48 -5.18 -7.17
C LEU A 358 -12.41 -5.36 -8.23
N SER A 359 -11.28 -4.64 -8.10
CA SER A 359 -10.17 -4.74 -9.04
C SER A 359 -8.89 -5.05 -8.29
N ILE A 360 -7.90 -5.62 -9.01
CA ILE A 360 -6.58 -5.87 -8.43
C ILE A 360 -5.50 -5.45 -9.42
N VAL A 361 -4.38 -4.92 -8.90
CA VAL A 361 -3.15 -4.80 -9.69
C VAL A 361 -2.06 -5.56 -8.94
N TYR A 362 -1.11 -6.13 -9.67
CA TYR A 362 -0.10 -6.93 -8.98
C TYR A 362 1.15 -7.05 -9.85
N GLU A 363 2.25 -7.37 -9.18
CA GLU A 363 3.53 -7.59 -9.84
C GLU A 363 3.53 -8.95 -10.52
N ALA A 364 4.09 -8.99 -11.73
CA ALA A 364 4.07 -10.19 -12.57
C ALA A 364 5.31 -10.17 -13.46
N ASN A 365 6.40 -10.77 -12.95
CA ASN A 365 7.62 -10.98 -13.72
C ASN A 365 8.13 -9.66 -14.32
N GLY A 366 8.24 -8.63 -13.45
CA GLY A 366 8.75 -7.32 -13.86
C GLY A 366 7.71 -6.39 -14.48
N ASN A 367 6.51 -6.89 -14.79
CA ASN A 367 5.41 -6.07 -15.27
C ASN A 367 4.44 -5.83 -14.11
N ILE A 368 3.46 -4.96 -14.36
CA ILE A 368 2.27 -4.87 -13.53
C ILE A 368 1.10 -5.38 -14.37
N GLU A 369 0.31 -6.29 -13.81
CA GLU A 369 -0.91 -6.74 -14.47
C GLU A 369 -2.12 -6.24 -13.71
N TYR A 370 -3.26 -6.18 -14.43
CA TYR A 370 -4.55 -5.70 -13.94
C TYR A 370 -5.61 -6.76 -14.15
N GLN A 371 -6.50 -6.91 -13.18
CA GLN A 371 -7.66 -7.78 -13.37
C GLN A 371 -8.89 -7.18 -12.70
N ASP A 372 -10.04 -7.32 -13.37
CA ASP A 372 -11.32 -7.06 -12.74
C ASP A 372 -11.76 -8.32 -12.01
N LEU A 373 -11.90 -8.22 -10.69
CA LEU A 373 -12.34 -9.36 -9.88
C LEU A 373 -13.80 -9.26 -9.47
N THR A 374 -14.56 -8.33 -10.06
CA THR A 374 -15.97 -8.18 -9.68
C THR A 374 -16.75 -9.49 -9.74
N PRO A 375 -16.53 -10.42 -10.68
CA PRO A 375 -17.28 -11.67 -10.64
C PRO A 375 -17.06 -12.48 -9.37
N TYR A 376 -15.88 -12.37 -8.73
CA TYR A 376 -15.69 -13.05 -7.45
C TYR A 376 -16.45 -12.37 -6.34
N TYR A 377 -16.52 -11.04 -6.36
CA TYR A 377 -17.35 -10.36 -5.38
C TYR A 377 -18.82 -10.76 -5.54
N SER A 378 -19.30 -10.91 -6.79
CA SER A 378 -20.68 -11.37 -6.97
C SER A 378 -20.90 -12.73 -6.32
N LEU A 379 -19.94 -13.65 -6.47
CA LEU A 379 -20.06 -14.96 -5.82
C LEU A 379 -20.18 -14.80 -4.30
N ILE A 380 -19.35 -13.92 -3.73
CA ILE A 380 -19.39 -13.66 -2.29
C ILE A 380 -20.72 -13.02 -1.89
N ASN A 381 -21.23 -12.12 -2.73
CA ASN A 381 -22.38 -11.32 -2.36
C ASN A 381 -23.71 -12.09 -2.47
N LYS A 382 -23.78 -13.18 -3.26
CA LYS A 382 -24.86 -14.16 -3.17
C LYS A 382 -26.24 -13.56 -3.47
N GLN A 383 -26.30 -12.66 -4.45
N GLN A 383 -26.32 -12.64 -4.43
CA GLN A 383 -27.56 -12.10 -4.92
CA GLN A 383 -27.58 -11.94 -4.75
C GLN A 383 -28.13 -13.01 -6.01
C GLN A 383 -28.31 -12.57 -5.94
#